data_8V8X
#
_entry.id   8V8X
#
_cell.length_a   57.796
_cell.length_b   63.192
_cell.length_c   119.988
_cell.angle_alpha   90.00
_cell.angle_beta   90.00
_cell.angle_gamma   90.00
#
_symmetry.space_group_name_H-M   'P 21 21 21'
#
loop_
_entity.id
_entity.type
_entity.pdbx_description
1 polymer 'UDP-N-acetylmuramoylalanine--D-glutamate ligase'
2 non-polymer GLYCINE
3 water water
#
_entity_poly.entity_id   1
_entity_poly.type   'polypeptide(L)'
_entity_poly.pdbx_seq_one_letter_code
;MADYQGKNVVIIGLGLTGLSCVDFFLARGVTPRVMDTRMTPPGLDKLPEAVERHTGSLNDEWLMAADLIVASPGIALAHP
SLSAAADAGIEIVGDIELFCREAQAPIVAITGSNGKSTVTTLVGEMAKAAGVNVGVGGNIGLPALMLLDDECELYVLELS
SFQLETTSSLQAVAATILNVTEDHMDRYPFGLQQYRAAKLRIYENAKVCVVNADDALTMPIRGADERCVSFGVNMGDYHL
NHQQGETWLRVKGEKVLNVKEMKLSGQHNYTNALAALALADAAGLPRASSLKALTTFTGLPHRFEVVLEHNGVRWINDSK
ATNVGSTEAALNGLHVDGTLHLLLGGDGKSADFSPLARYLNGDNVRLYCFGRDGAQLAALRPEVAEQTETMEQAMRLLAP
RVQPGDMVLLSPACASLDQFKNFEQRGNEFARLAKELGGHHHHHH
;
_entity_poly.pdbx_strand_id   A
#
# COMPACT_ATOMS: atom_id res chain seq x y z
N ALA A 2 -17.45 -10.23 12.32
CA ALA A 2 -18.24 -10.43 13.57
C ALA A 2 -19.52 -9.61 13.52
N ASP A 3 -20.25 -9.59 14.64
CA ASP A 3 -21.51 -8.86 14.76
C ASP A 3 -21.34 -7.81 15.84
N TYR A 4 -21.34 -6.53 15.45
CA TYR A 4 -21.16 -5.42 16.37
C TYR A 4 -22.45 -4.66 16.62
N GLN A 5 -23.59 -5.26 16.29
CA GLN A 5 -24.87 -4.58 16.41
C GLN A 5 -25.12 -4.16 17.85
N GLY A 6 -25.48 -2.88 18.02
CA GLY A 6 -25.90 -2.39 19.32
C GLY A 6 -24.81 -2.31 20.36
N LYS A 7 -23.55 -2.25 19.95
CA LYS A 7 -22.43 -2.09 20.87
C LYS A 7 -21.96 -0.65 20.84
N ASN A 8 -21.52 -0.16 22.01
CA ASN A 8 -20.92 1.17 22.11
C ASN A 8 -19.45 1.04 21.74
N VAL A 9 -19.08 1.56 20.56
CA VAL A 9 -17.74 1.42 20.02
C VAL A 9 -17.05 2.78 20.09
N VAL A 10 -15.80 2.79 20.55
CA VAL A 10 -15.00 3.99 20.66
C VAL A 10 -13.75 3.80 19.83
N ILE A 11 -13.44 4.80 18.99
CA ILE A 11 -12.27 4.78 18.13
C ILE A 11 -11.29 5.84 18.64
N ILE A 12 -10.10 5.41 19.01
CA ILE A 12 -9.03 6.30 19.44
C ILE A 12 -8.11 6.54 18.26
N GLY A 13 -8.05 7.79 17.80
CA GLY A 13 -7.20 8.14 16.68
C GLY A 13 -8.00 8.26 15.40
N LEU A 14 -7.88 9.41 14.72
CA LEU A 14 -8.60 9.61 13.48
C LEU A 14 -7.65 9.35 12.30
N GLY A 15 -7.37 10.36 11.49
CA GLY A 15 -6.57 10.08 10.31
C GLY A 15 -7.34 9.14 9.38
N LEU A 16 -6.61 8.68 8.36
CA LEU A 16 -7.24 7.80 7.37
C LEU A 16 -7.63 6.46 7.98
N THR A 17 -6.82 5.96 8.92
CA THR A 17 -7.14 4.70 9.58
C THR A 17 -8.41 4.84 10.43
N GLY A 18 -8.46 5.88 11.26
CA GLY A 18 -9.67 6.10 12.05
C GLY A 18 -10.89 6.30 11.19
N LEU A 19 -10.74 6.99 10.06
CA LEU A 19 -11.85 7.16 9.14
C LEU A 19 -12.31 5.81 8.58
N SER A 20 -11.37 4.90 8.34
CA SER A 20 -11.73 3.59 7.81
C SER A 20 -12.53 2.80 8.84
N CYS A 21 -12.17 2.91 10.12
CA CYS A 21 -12.94 2.26 11.17
C CYS A 21 -14.35 2.85 11.25
N VAL A 22 -14.46 4.18 11.10
CA VAL A 22 -15.78 4.82 11.14
C VAL A 22 -16.66 4.25 10.04
N ASP A 23 -16.15 4.23 8.81
CA ASP A 23 -16.92 3.64 7.70
C ASP A 23 -17.24 2.17 7.97
N PHE A 24 -16.26 1.43 8.48
CA PHE A 24 -16.48 0.01 8.76
C PHE A 24 -17.71 -0.21 9.63
N PHE A 25 -17.85 0.60 10.68
CA PHE A 25 -18.97 0.43 11.60
C PHE A 25 -20.25 1.07 11.07
N LEU A 26 -20.14 2.25 10.45
CA LEU A 26 -21.34 2.88 9.88
C LEU A 26 -22.00 1.99 8.84
N ALA A 27 -21.21 1.14 8.16
CA ALA A 27 -21.77 0.24 7.17
C ALA A 27 -22.39 -1.00 7.81
N ARG A 28 -22.10 -1.27 9.08
CA ARG A 28 -22.66 -2.41 9.79
C ARG A 28 -23.69 -1.97 10.84
N GLY A 29 -24.33 -0.82 10.61
CA GLY A 29 -25.37 -0.37 11.51
C GLY A 29 -24.89 0.13 12.86
N VAL A 30 -23.61 0.49 12.97
CA VAL A 30 -23.02 0.93 14.23
C VAL A 30 -22.46 2.32 14.01
N THR A 31 -22.89 3.28 14.84
CA THR A 31 -22.34 4.62 14.83
C THR A 31 -21.30 4.72 15.94
N PRO A 32 -20.00 4.79 15.63
CA PRO A 32 -18.99 4.82 16.68
C PRO A 32 -18.78 6.23 17.22
N ARG A 33 -18.04 6.29 18.33
CA ARG A 33 -17.52 7.54 18.86
C ARG A 33 -16.02 7.59 18.62
N VAL A 34 -15.52 8.79 18.34
CA VAL A 34 -14.13 8.98 17.97
C VAL A 34 -13.50 9.97 18.94
N MET A 35 -12.25 9.70 19.33
CA MET A 35 -11.47 10.64 20.12
C MET A 35 -10.05 10.65 19.60
N ASP A 36 -9.38 11.79 19.80
CA ASP A 36 -8.01 11.98 19.32
C ASP A 36 -7.37 13.05 20.18
N THR A 37 -6.14 12.80 20.62
CA THR A 37 -5.47 13.74 21.51
C THR A 37 -5.19 15.07 20.81
N ARG A 38 -5.07 15.05 19.49
CA ARG A 38 -4.77 16.26 18.74
C ARG A 38 -6.00 17.15 18.65
N MET A 39 -5.80 18.47 18.81
CA MET A 39 -6.93 19.39 18.72
C MET A 39 -7.57 19.34 17.34
N THR A 40 -6.75 19.28 16.29
CA THR A 40 -7.23 19.24 14.91
C THR A 40 -6.55 18.06 14.22
N PRO A 41 -7.03 16.84 14.45
CA PRO A 41 -6.40 15.66 13.82
C PRO A 41 -6.71 15.63 12.34
N PRO A 42 -5.90 14.91 11.55
CA PRO A 42 -6.21 14.76 10.13
C PRO A 42 -7.47 13.95 9.93
N GLY A 43 -8.23 14.31 8.89
CA GLY A 43 -9.48 13.67 8.60
C GLY A 43 -10.65 14.17 9.40
N LEU A 44 -10.46 15.20 10.23
CA LEU A 44 -11.58 15.75 11.01
C LEU A 44 -12.66 16.33 10.10
N ASP A 45 -12.24 16.98 9.00
CA ASP A 45 -13.21 17.55 8.08
C ASP A 45 -13.92 16.49 7.25
N LYS A 46 -13.35 15.29 7.14
CA LYS A 46 -14.01 14.19 6.47
C LYS A 46 -14.93 13.40 7.39
N LEU A 47 -14.92 13.68 8.68
CA LEU A 47 -15.69 12.90 9.63
C LEU A 47 -17.17 13.18 9.47
N PRO A 48 -18.02 12.16 9.33
CA PRO A 48 -19.47 12.42 9.22
C PRO A 48 -20.02 13.24 10.38
N GLU A 49 -21.20 13.81 10.20
CA GLU A 49 -21.79 14.68 11.23
C GLU A 49 -22.43 13.88 12.36
N ALA A 50 -23.09 12.77 12.02
CA ALA A 50 -23.77 11.97 13.03
C ALA A 50 -22.82 11.33 14.04
N VAL A 51 -21.51 11.37 13.77
CA VAL A 51 -20.53 10.71 14.63
C VAL A 51 -20.07 11.68 15.71
N GLU A 52 -20.29 11.31 16.96
CA GLU A 52 -19.75 12.07 18.08
C GLU A 52 -18.23 12.00 18.08
N ARG A 53 -17.59 13.15 18.28
CA ARG A 53 -16.14 13.20 18.33
C ARG A 53 -15.68 14.11 19.45
N HIS A 54 -14.50 13.80 20.01
CA HIS A 54 -13.88 14.58 21.07
C HIS A 54 -12.40 14.69 20.77
N THR A 55 -11.90 15.91 20.63
CA THR A 55 -10.52 16.14 20.24
C THR A 55 -9.79 16.92 21.32
N GLY A 56 -8.45 16.88 21.25
CA GLY A 56 -7.61 17.58 22.20
C GLY A 56 -7.23 16.79 23.43
N SER A 57 -7.77 15.58 23.59
CA SER A 57 -7.53 14.76 24.77
C SER A 57 -8.35 13.49 24.59
N LEU A 58 -8.12 12.54 25.48
CA LEU A 58 -8.96 11.36 25.56
C LEU A 58 -10.13 11.65 26.49
N ASN A 59 -11.32 11.18 26.10
CA ASN A 59 -12.50 11.25 26.96
C ASN A 59 -12.56 9.96 27.75
N ASP A 60 -12.08 10.00 29.00
CA ASP A 60 -11.98 8.79 29.80
C ASP A 60 -13.35 8.15 30.01
N GLU A 61 -14.40 8.97 30.16
CA GLU A 61 -15.73 8.42 30.36
C GLU A 61 -16.18 7.61 29.15
N TRP A 62 -15.94 8.12 27.94
CA TRP A 62 -16.27 7.36 26.74
C TRP A 62 -15.60 5.99 26.76
N LEU A 63 -14.35 5.93 27.21
CA LEU A 63 -13.63 4.66 27.22
C LEU A 63 -14.23 3.69 28.24
N MET A 64 -14.43 4.15 29.47
CA MET A 64 -14.98 3.27 30.50
C MET A 64 -16.40 2.85 30.19
N ALA A 65 -17.13 3.60 29.38
CA ALA A 65 -18.50 3.26 29.00
C ALA A 65 -18.57 2.38 27.76
N ALA A 66 -17.45 2.09 27.12
CA ALA A 66 -17.45 1.40 25.84
C ALA A 66 -17.52 -0.11 26.01
N ASP A 67 -18.17 -0.76 25.04
CA ASP A 67 -18.11 -2.21 24.93
C ASP A 67 -16.92 -2.67 24.10
N LEU A 68 -16.44 -1.82 23.19
CA LEU A 68 -15.31 -2.14 22.32
C LEU A 68 -14.50 -0.88 22.09
N ILE A 69 -13.19 -0.96 22.34
CA ILE A 69 -12.26 0.13 22.11
C ILE A 69 -11.37 -0.24 20.93
N VAL A 70 -11.38 0.59 19.90
CA VAL A 70 -10.56 0.39 18.70
C VAL A 70 -9.43 1.41 18.78
N ALA A 71 -8.24 0.94 19.14
CA ALA A 71 -7.12 1.82 19.46
C ALA A 71 -6.16 1.89 18.28
N SER A 72 -5.91 3.11 17.79
CA SER A 72 -4.89 3.30 16.78
C SER A 72 -3.53 2.94 17.38
N PRO A 73 -2.57 2.49 16.54
CA PRO A 73 -1.24 2.17 17.08
C PRO A 73 -0.51 3.38 17.63
N GLY A 74 -1.00 4.59 17.37
CA GLY A 74 -0.31 5.78 17.83
C GLY A 74 -0.39 6.01 19.33
N ILE A 75 -1.45 5.51 19.96
CA ILE A 75 -1.61 5.65 21.41
C ILE A 75 -1.03 4.43 22.10
N ALA A 76 -0.26 4.66 23.15
CA ALA A 76 0.37 3.58 23.89
C ALA A 76 -0.68 2.82 24.71
N LEU A 77 -0.69 1.50 24.57
CA LEU A 77 -1.60 0.68 25.34
C LEU A 77 -1.39 0.81 26.84
N ALA A 78 -0.19 1.22 27.26
CA ALA A 78 0.09 1.44 28.68
C ALA A 78 -0.52 2.74 29.20
N HIS A 79 -1.06 3.58 28.32
CA HIS A 79 -1.71 4.81 28.76
C HIS A 79 -2.66 4.51 29.92
N PRO A 80 -2.70 5.34 30.95
CA PRO A 80 -3.49 4.97 32.13
C PRO A 80 -4.97 4.75 31.82
N SER A 81 -5.55 5.60 30.97
CA SER A 81 -6.96 5.42 30.61
C SER A 81 -7.19 4.08 29.95
N LEU A 82 -6.30 3.69 29.03
CA LEU A 82 -6.45 2.38 28.39
C LEU A 82 -6.11 1.26 29.35
N SER A 83 -5.08 1.44 30.18
CA SER A 83 -4.79 0.47 31.22
C SER A 83 -5.98 0.28 32.15
N ALA A 84 -6.67 1.38 32.49
CA ALA A 84 -7.86 1.29 33.34
C ALA A 84 -9.00 0.62 32.59
N ALA A 85 -9.16 0.93 31.31
CA ALA A 85 -10.18 0.26 30.49
C ALA A 85 -9.92 -1.24 30.46
N ALA A 86 -8.67 -1.64 30.22
CA ALA A 86 -8.33 -3.06 30.19
C ALA A 86 -8.64 -3.72 31.53
N ASP A 87 -8.22 -3.09 32.63
CA ASP A 87 -8.47 -3.66 33.95
C ASP A 87 -9.96 -3.82 34.21
N ALA A 88 -10.79 -2.98 33.61
CA ALA A 88 -12.23 -3.06 33.77
C ALA A 88 -12.87 -4.11 32.87
N GLY A 89 -12.09 -4.83 32.07
CA GLY A 89 -12.63 -5.86 31.22
C GLY A 89 -13.19 -5.40 29.90
N ILE A 90 -12.82 -4.20 29.45
CA ILE A 90 -13.30 -3.67 28.18
C ILE A 90 -12.42 -4.21 27.07
N GLU A 91 -13.04 -4.75 26.02
CA GLU A 91 -12.28 -5.32 24.92
C GLU A 91 -11.58 -4.22 24.13
N ILE A 92 -10.28 -4.40 23.93
CA ILE A 92 -9.45 -3.48 23.16
C ILE A 92 -8.91 -4.22 21.94
N VAL A 93 -9.12 -3.66 20.76
CA VAL A 93 -8.65 -4.22 19.50
C VAL A 93 -8.10 -3.08 18.65
N GLY A 94 -7.54 -3.44 17.50
CA GLY A 94 -7.05 -2.48 16.53
C GLY A 94 -7.72 -2.71 15.18
N ASP A 95 -7.40 -1.81 14.23
CA ASP A 95 -8.05 -1.89 12.93
C ASP A 95 -7.73 -3.20 12.22
N ILE A 96 -6.53 -3.76 12.46
CA ILE A 96 -6.16 -5.00 11.79
C ILE A 96 -6.95 -6.17 12.36
N GLU A 97 -7.24 -6.15 13.65
CA GLU A 97 -8.09 -7.18 14.24
C GLU A 97 -9.49 -7.14 13.62
N LEU A 98 -10.01 -5.92 13.40
CA LEU A 98 -11.31 -5.80 12.73
C LEU A 98 -11.23 -6.37 11.32
N PHE A 99 -10.10 -6.18 10.65
CA PHE A 99 -9.95 -6.69 9.29
C PHE A 99 -9.91 -8.21 9.26
N CYS A 100 -9.12 -8.82 10.13
CA CYS A 100 -8.93 -10.27 10.10
C CYS A 100 -10.20 -11.03 10.46
N ARG A 101 -11.14 -10.41 11.16
CA ARG A 101 -12.40 -11.07 11.49
C ARG A 101 -13.34 -11.14 10.30
N GLU A 102 -13.17 -10.27 9.30
CA GLU A 102 -14.04 -10.25 8.13
C GLU A 102 -13.36 -10.74 6.86
N ALA A 103 -12.03 -10.73 6.80
CA ALA A 103 -11.33 -11.06 5.57
C ALA A 103 -11.69 -12.47 5.11
N GLN A 104 -12.10 -12.57 3.84
CA GLN A 104 -12.49 -13.84 3.24
C GLN A 104 -11.46 -14.40 2.28
N ALA A 105 -10.32 -13.73 2.10
CA ALA A 105 -9.28 -14.17 1.20
C ALA A 105 -7.97 -14.38 1.97
N PRO A 106 -7.04 -15.15 1.41
CA PRO A 106 -5.76 -15.37 2.11
C PRO A 106 -5.02 -14.07 2.39
N ILE A 107 -4.31 -14.05 3.51
CA ILE A 107 -3.54 -12.88 3.94
C ILE A 107 -2.07 -13.25 3.97
N VAL A 108 -1.25 -12.42 3.33
CA VAL A 108 0.20 -12.44 3.51
C VAL A 108 0.55 -11.28 4.43
N ALA A 109 1.29 -11.57 5.50
CA ALA A 109 1.57 -10.61 6.56
C ALA A 109 3.08 -10.37 6.64
N ILE A 110 3.48 -9.11 6.58
CA ILE A 110 4.90 -8.73 6.57
C ILE A 110 5.15 -7.72 7.67
N THR A 111 6.16 -7.99 8.50
CA THR A 111 6.63 -7.02 9.48
C THR A 111 8.16 -7.06 9.50
N GLY A 112 8.75 -5.97 9.98
CA GLY A 112 10.20 -5.87 10.05
C GLY A 112 10.71 -4.61 9.37
N SER A 113 11.41 -3.77 10.13
CA SER A 113 11.95 -2.51 9.64
C SER A 113 12.43 -2.58 8.19
N SER A 117 8.56 -2.30 2.90
CA SER A 117 7.93 -1.64 1.76
C SER A 117 8.22 -2.37 0.45
N THR A 118 9.51 -2.60 0.16
CA THR A 118 9.87 -3.25 -1.10
C THR A 118 9.37 -4.69 -1.13
N VAL A 119 9.57 -5.44 -0.04
CA VAL A 119 9.07 -6.80 0.02
C VAL A 119 7.55 -6.83 -0.19
N THR A 120 6.84 -5.95 0.53
CA THR A 120 5.39 -5.90 0.40
C THR A 120 4.97 -5.55 -1.02
N THR A 121 5.64 -4.56 -1.63
CA THR A 121 5.32 -4.17 -2.99
C THR A 121 5.61 -5.30 -3.97
N LEU A 122 6.72 -6.00 -3.78
CA LEU A 122 7.08 -7.09 -4.69
C LEU A 122 6.04 -8.20 -4.65
N VAL A 123 5.64 -8.64 -3.45
CA VAL A 123 4.62 -9.67 -3.34
C VAL A 123 3.37 -9.25 -4.10
N GLY A 124 2.95 -7.99 -3.92
CA GLY A 124 1.80 -7.50 -4.68
C GLY A 124 2.03 -7.57 -6.18
N GLU A 125 3.24 -7.21 -6.62
CA GLU A 125 3.56 -7.28 -8.04
C GLU A 125 3.55 -8.72 -8.54
N MET A 126 3.99 -9.66 -7.70
CA MET A 126 3.97 -11.06 -8.11
C MET A 126 2.54 -11.57 -8.26
N ALA A 127 1.66 -11.22 -7.31
CA ALA A 127 0.26 -11.62 -7.43
C ALA A 127 -0.38 -11.01 -8.67
N LYS A 128 -0.05 -9.75 -8.98
CA LYS A 128 -0.62 -9.11 -10.17
C LYS A 128 -0.11 -9.77 -11.44
N ALA A 129 1.16 -10.15 -11.48
CA ALA A 129 1.69 -10.85 -12.65
C ALA A 129 0.95 -12.16 -12.91
N ALA A 130 0.33 -12.73 -11.88
CA ALA A 130 -0.45 -13.96 -12.00
C ALA A 130 -1.93 -13.71 -12.23
N GLY A 131 -2.35 -12.46 -12.37
CA GLY A 131 -3.75 -12.16 -12.59
C GLY A 131 -4.60 -12.15 -11.33
N VAL A 132 -3.96 -12.09 -10.17
CA VAL A 132 -4.67 -12.12 -8.90
C VAL A 132 -5.01 -10.70 -8.47
N ASN A 133 -6.28 -10.46 -8.18
CA ASN A 133 -6.68 -9.17 -7.61
C ASN A 133 -6.19 -9.12 -6.16
N VAL A 134 -5.21 -8.26 -5.90
CA VAL A 134 -4.52 -8.21 -4.62
C VAL A 134 -4.73 -6.83 -4.01
N GLY A 135 -5.01 -6.81 -2.71
CA GLY A 135 -5.09 -5.58 -1.96
C GLY A 135 -3.90 -5.42 -1.03
N VAL A 136 -3.09 -4.41 -1.29
CA VAL A 136 -1.90 -4.12 -0.49
C VAL A 136 -2.22 -2.96 0.44
N GLY A 137 -2.05 -3.18 1.73
CA GLY A 137 -2.38 -2.15 2.69
C GLY A 137 -1.76 -2.40 4.04
N GLY A 138 -2.36 -1.80 5.06
CA GLY A 138 -1.85 -1.88 6.42
C GLY A 138 -1.05 -0.66 6.80
N ASN A 139 0.19 -0.86 7.23
CA ASN A 139 1.06 0.26 7.57
C ASN A 139 1.51 1.04 6.34
N ILE A 140 1.24 0.54 5.13
CA ILE A 140 1.51 1.25 3.89
C ILE A 140 0.28 1.11 3.01
N GLY A 141 0.27 1.86 1.91
CA GLY A 141 -0.90 1.86 1.05
C GLY A 141 -2.14 2.30 1.82
N LEU A 142 -3.28 1.75 1.44
CA LEU A 142 -4.51 2.07 2.13
C LEU A 142 -4.60 1.31 3.45
N PRO A 143 -5.31 1.85 4.45
CA PRO A 143 -5.58 1.07 5.66
C PRO A 143 -6.29 -0.22 5.33
N ALA A 144 -6.01 -1.25 6.13
CA ALA A 144 -6.47 -2.60 5.80
C ALA A 144 -7.98 -2.65 5.58
N LEU A 145 -8.74 -1.94 6.42
CA LEU A 145 -10.20 -2.05 6.34
C LEU A 145 -10.73 -1.56 5.00
N MET A 146 -10.04 -0.61 4.36
CA MET A 146 -10.48 -0.13 3.06
C MET A 146 -10.27 -1.15 1.95
N LEU A 147 -9.50 -2.22 2.21
CA LEU A 147 -9.32 -3.27 1.23
C LEU A 147 -10.51 -4.21 1.15
N LEU A 148 -11.37 -4.22 2.18
CA LEU A 148 -12.56 -5.07 2.14
C LEU A 148 -13.53 -4.64 1.06
N ASP A 149 -13.53 -3.36 0.69
CA ASP A 149 -14.47 -2.87 -0.31
C ASP A 149 -14.29 -3.59 -1.64
N ASP A 150 -13.06 -3.62 -2.16
CA ASP A 150 -12.79 -4.24 -3.45
C ASP A 150 -13.06 -5.74 -3.40
N GLU A 151 -12.85 -6.41 -4.52
CA GLU A 151 -13.05 -7.85 -4.64
C GLU A 151 -11.69 -8.54 -4.68
N CYS A 152 -10.98 -8.47 -3.56
CA CYS A 152 -9.64 -9.02 -3.47
C CYS A 152 -9.67 -10.54 -3.40
N GLU A 153 -8.65 -11.16 -4.00
CA GLU A 153 -8.41 -12.58 -3.89
C GLU A 153 -7.22 -12.90 -2.99
N LEU A 154 -6.46 -11.88 -2.60
CA LEU A 154 -5.27 -12.05 -1.78
C LEU A 154 -4.97 -10.71 -1.13
N TYR A 155 -4.68 -10.72 0.16
CA TYR A 155 -4.30 -9.52 0.90
C TYR A 155 -2.82 -9.60 1.26
N VAL A 156 -2.13 -8.47 1.13
CA VAL A 156 -0.74 -8.35 1.55
C VAL A 156 -0.68 -7.16 2.50
N LEU A 157 -0.41 -7.43 3.77
CA LEU A 157 -0.43 -6.42 4.82
C LEU A 157 0.97 -6.20 5.36
N GLU A 158 1.39 -4.95 5.40
CA GLU A 158 2.60 -4.53 6.11
C GLU A 158 2.16 -4.06 7.50
N LEU A 159 2.65 -4.73 8.53
CA LEU A 159 2.18 -4.53 9.89
C LEU A 159 3.31 -4.06 10.79
N SER A 160 3.00 -3.14 11.69
CA SER A 160 3.91 -2.73 12.73
C SER A 160 3.73 -3.64 13.95
N SER A 161 4.71 -3.59 14.85
CA SER A 161 4.56 -4.30 16.10
C SER A 161 3.38 -3.76 16.90
N PHE A 162 3.11 -2.46 16.79
CA PHE A 162 1.98 -1.87 17.49
C PHE A 162 0.66 -2.45 16.99
N GLN A 163 0.51 -2.60 15.68
CA GLN A 163 -0.70 -3.20 15.14
C GLN A 163 -0.81 -4.66 15.58
N LEU A 164 0.32 -5.38 15.59
CA LEU A 164 0.31 -6.78 16.01
C LEU A 164 -0.08 -6.92 17.48
N GLU A 165 0.34 -5.96 18.31
CA GLU A 165 0.02 -6.05 19.74
C GLU A 165 -1.47 -6.22 19.98
N THR A 166 -2.30 -5.55 19.18
CA THR A 166 -3.75 -5.58 19.35
C THR A 166 -4.45 -6.53 18.40
N THR A 167 -3.70 -7.41 17.72
CA THR A 167 -4.28 -8.35 16.78
C THR A 167 -4.19 -9.76 17.37
N SER A 168 -5.31 -10.49 17.33
CA SER A 168 -5.36 -11.86 17.84
C SER A 168 -6.00 -12.85 16.88
N SER A 169 -6.58 -12.40 15.76
CA SER A 169 -7.30 -13.27 14.84
C SER A 169 -6.60 -13.40 13.48
N LEU A 170 -5.29 -13.15 13.44
CA LEU A 170 -4.55 -13.24 12.18
C LEU A 170 -4.13 -14.68 11.92
N GLN A 171 -4.54 -15.22 10.78
CA GLN A 171 -4.11 -16.54 10.31
C GLN A 171 -3.60 -16.34 8.87
N ALA A 172 -2.37 -15.85 8.76
CA ALA A 172 -1.81 -15.56 7.45
C ALA A 172 -1.41 -16.84 6.74
N VAL A 173 -1.67 -16.88 5.43
CA VAL A 173 -1.16 -17.99 4.63
C VAL A 173 0.36 -17.99 4.65
N ALA A 174 0.97 -16.81 4.73
CA ALA A 174 2.42 -16.68 4.86
C ALA A 174 2.72 -15.44 5.70
N ALA A 175 3.60 -15.58 6.68
CA ALA A 175 4.01 -14.48 7.53
C ALA A 175 5.54 -14.45 7.61
N THR A 176 6.08 -13.25 7.85
CA THR A 176 7.52 -13.10 7.97
C THR A 176 7.85 -11.96 8.92
N ILE A 177 8.96 -12.13 9.63
CA ILE A 177 9.66 -11.04 10.30
C ILE A 177 10.95 -10.85 9.52
N LEU A 178 11.01 -9.79 8.70
CA LEU A 178 12.20 -9.57 7.87
C LEU A 178 13.42 -9.29 8.73
N ASN A 179 13.27 -8.45 9.75
CA ASN A 179 14.37 -8.07 10.62
C ASN A 179 13.82 -7.69 11.99
N VAL A 180 14.68 -7.82 12.99
CA VAL A 180 14.41 -7.32 14.35
C VAL A 180 15.57 -6.40 14.69
N THR A 181 15.47 -5.14 14.31
CA THR A 181 16.54 -4.15 14.50
C THR A 181 16.13 -3.15 15.57
N GLU A 182 17.04 -2.88 16.51
CA GLU A 182 16.77 -1.96 17.60
C GLU A 182 16.22 -0.63 17.09
N LEU A 192 13.65 -4.80 24.08
CA LEU A 192 14.11 -5.54 22.91
C LEU A 192 13.41 -6.89 22.83
N GLN A 193 13.44 -7.65 23.93
CA GLN A 193 12.72 -8.92 23.97
C GLN A 193 11.21 -8.71 23.96
N GLN A 194 10.73 -7.54 24.38
CA GLN A 194 9.32 -7.21 24.20
C GLN A 194 9.04 -6.84 22.76
N TYR A 195 9.90 -6.00 22.17
CA TYR A 195 9.78 -5.66 20.76
C TYR A 195 9.72 -6.90 19.89
N ARG A 196 10.59 -7.89 20.18
CA ARG A 196 10.55 -9.14 19.44
C ARG A 196 9.25 -9.89 19.70
N ALA A 197 8.78 -9.88 20.95
CA ALA A 197 7.59 -10.66 21.30
C ALA A 197 6.37 -10.19 20.51
N ALA A 198 6.22 -8.87 20.35
CA ALA A 198 5.11 -8.36 19.56
C ALA A 198 5.22 -8.81 18.10
N LYS A 199 6.44 -8.80 17.55
CA LYS A 199 6.61 -9.18 16.16
C LYS A 199 6.36 -10.67 15.95
N LEU A 200 6.74 -11.50 16.91
CA LEU A 200 6.51 -12.94 16.78
C LEU A 200 5.02 -13.28 16.73
N ARG A 201 4.15 -12.37 17.18
CA ARG A 201 2.71 -12.64 17.09
C ARG A 201 2.28 -12.86 15.65
N ILE A 202 2.99 -12.29 14.69
CA ILE A 202 2.63 -12.42 13.28
C ILE A 202 2.66 -13.88 12.84
N TYR A 203 3.45 -14.72 13.52
CA TYR A 203 3.55 -16.13 13.17
C TYR A 203 2.40 -16.95 13.71
N GLU A 204 1.73 -16.49 14.76
CA GLU A 204 0.69 -17.29 15.41
C GLU A 204 -0.40 -17.63 14.40
N ASN A 205 -0.67 -18.92 14.24
CA ASN A 205 -1.67 -19.46 13.32
C ASN A 205 -1.31 -19.26 11.86
N ALA A 206 -0.07 -18.90 11.56
CA ALA A 206 0.37 -18.79 10.18
C ALA A 206 0.60 -20.18 9.58
N LYS A 207 0.19 -20.34 8.33
CA LYS A 207 0.39 -21.62 7.65
C LYS A 207 1.87 -21.83 7.32
N VAL A 208 2.55 -20.79 6.87
CA VAL A 208 3.97 -20.82 6.60
C VAL A 208 4.63 -19.63 7.27
N CYS A 209 5.76 -19.88 7.91
CA CYS A 209 6.58 -18.83 8.53
C CYS A 209 7.83 -18.64 7.70
N VAL A 210 8.00 -17.46 7.13
CA VAL A 210 9.20 -17.11 6.35
C VAL A 210 10.14 -16.33 7.26
N VAL A 211 11.32 -16.89 7.51
CA VAL A 211 12.25 -16.34 8.48
C VAL A 211 13.55 -15.96 7.76
N ASN A 212 14.32 -15.10 8.43
CA ASN A 212 15.58 -14.60 7.90
C ASN A 212 16.71 -15.44 8.46
N ALA A 213 17.39 -16.19 7.57
CA ALA A 213 18.48 -17.04 8.02
C ALA A 213 19.61 -16.24 8.64
N ASP A 214 19.75 -14.97 8.26
CA ASP A 214 20.82 -14.12 8.75
C ASP A 214 20.43 -13.30 9.98
N ASP A 215 19.23 -13.50 10.51
CA ASP A 215 18.76 -12.78 11.70
C ASP A 215 17.98 -13.78 12.56
N ALA A 216 18.65 -14.32 13.59
CA ALA A 216 18.05 -15.39 14.37
C ALA A 216 16.81 -14.94 15.13
N LEU A 217 16.73 -13.64 15.48
CA LEU A 217 15.55 -13.16 16.19
C LEU A 217 14.28 -13.25 15.35
N THR A 218 14.39 -13.41 14.03
CA THR A 218 13.23 -13.60 13.19
C THR A 218 12.65 -14.99 13.30
N MET A 219 13.39 -15.94 13.88
CA MET A 219 12.90 -17.30 13.98
C MET A 219 11.93 -17.44 15.15
N PRO A 220 10.90 -18.25 15.01
CA PRO A 220 10.05 -18.54 16.17
C PRO A 220 10.86 -19.16 17.29
N ILE A 221 10.48 -18.84 18.53
CA ILE A 221 11.13 -19.46 19.68
C ILE A 221 10.81 -20.94 19.72
N ARG A 222 9.59 -21.31 19.34
CA ARG A 222 9.16 -22.71 19.31
C ARG A 222 7.87 -22.78 18.52
N GLY A 223 7.34 -23.99 18.39
CA GLY A 223 6.06 -24.18 17.74
C GLY A 223 6.03 -23.78 16.27
N ALA A 224 7.10 -24.08 15.53
CA ALA A 224 7.13 -23.81 14.11
C ALA A 224 8.06 -24.77 13.38
N ASP A 225 8.20 -25.99 13.93
CA ASP A 225 9.24 -26.89 13.47
C ASP A 225 9.08 -27.28 11.99
N GLU A 226 7.84 -27.39 11.51
CA GLU A 226 7.57 -27.95 10.19
C GLU A 226 6.90 -26.96 9.24
N ARG A 227 6.83 -25.68 9.60
CA ARG A 227 6.20 -24.67 8.75
C ARG A 227 7.11 -23.49 8.48
N CYS A 228 8.42 -23.66 8.66
CA CYS A 228 9.38 -22.58 8.45
C CYS A 228 10.06 -22.71 7.11
N VAL A 229 10.22 -21.56 6.43
CA VAL A 229 11.00 -21.45 5.21
C VAL A 229 11.94 -20.26 5.40
N SER A 230 13.20 -20.43 5.00
CA SER A 230 14.24 -19.44 5.28
C SER A 230 14.69 -18.74 4.00
N PHE A 231 15.06 -17.47 4.16
CA PHE A 231 15.74 -16.72 3.12
C PHE A 231 17.00 -16.11 3.72
N GLY A 232 18.04 -15.97 2.90
CA GLY A 232 19.29 -15.43 3.37
C GLY A 232 20.21 -15.11 2.21
N VAL A 233 21.42 -14.65 2.56
CA VAL A 233 22.40 -14.28 1.55
C VAL A 233 23.10 -15.51 1.01
N ASN A 234 23.83 -16.21 1.86
CA ASN A 234 24.59 -17.39 1.47
C ASN A 234 23.94 -18.69 1.94
N MET A 235 22.82 -18.62 2.66
CA MET A 235 22.22 -19.81 3.24
C MET A 235 20.71 -19.62 3.32
N GLY A 236 19.99 -20.73 3.29
CA GLY A 236 18.54 -20.71 3.40
C GLY A 236 17.86 -21.37 2.22
N ASP A 237 16.60 -21.77 2.40
CA ASP A 237 15.84 -22.32 1.28
C ASP A 237 15.90 -21.39 0.07
N TYR A 238 15.94 -20.09 0.32
CA TYR A 238 16.09 -19.06 -0.70
C TYR A 238 17.38 -18.30 -0.39
N HIS A 239 18.36 -18.39 -1.26
CA HIS A 239 19.63 -17.71 -1.01
C HIS A 239 20.30 -17.35 -2.34
N LEU A 240 21.46 -16.71 -2.24
CA LEU A 240 22.25 -16.28 -3.38
C LEU A 240 23.47 -17.16 -3.53
N ASN A 241 23.96 -17.28 -4.77
CA ASN A 241 25.14 -18.09 -5.04
C ASN A 241 25.85 -17.55 -6.25
N HIS A 242 27.14 -17.26 -6.09
CA HIS A 242 28.00 -16.82 -7.20
C HIS A 242 28.82 -18.02 -7.65
N GLN A 243 28.55 -18.49 -8.88
CA GLN A 243 29.15 -19.73 -9.35
C GLN A 243 30.09 -19.48 -10.52
N GLN A 244 29.55 -19.52 -11.73
CA GLN A 244 30.36 -19.37 -12.95
C GLN A 244 30.58 -17.90 -13.30
N GLY A 245 31.01 -17.10 -12.32
CA GLY A 245 31.13 -15.68 -12.49
C GLY A 245 29.81 -14.92 -12.48
N GLU A 246 28.69 -15.62 -12.37
CA GLU A 246 27.37 -15.03 -12.32
C GLU A 246 26.75 -15.25 -10.94
N THR A 247 25.81 -14.38 -10.59
CA THR A 247 25.08 -14.48 -9.33
C THR A 247 23.66 -14.94 -9.61
N TRP A 248 23.21 -15.95 -8.88
CA TRP A 248 21.93 -16.59 -9.13
C TRP A 248 21.05 -16.54 -7.88
N LEU A 249 19.76 -16.34 -8.09
CA LEU A 249 18.77 -16.63 -7.06
C LEU A 249 18.53 -18.13 -7.01
N ARG A 250 18.66 -18.71 -5.83
CA ARG A 250 18.51 -20.15 -5.64
C ARG A 250 17.34 -20.42 -4.72
N VAL A 251 16.49 -21.36 -5.12
CA VAL A 251 15.25 -21.67 -4.41
C VAL A 251 15.15 -23.18 -4.25
N LYS A 252 15.15 -23.64 -2.99
CA LYS A 252 14.97 -25.05 -2.66
C LYS A 252 15.95 -25.93 -3.44
N GLY A 253 17.18 -25.43 -3.60
CA GLY A 253 18.25 -26.20 -4.20
C GLY A 253 18.44 -26.01 -5.68
N GLU A 254 17.71 -25.10 -6.30
CA GLU A 254 17.71 -24.95 -7.75
C GLU A 254 17.96 -23.49 -8.12
N LYS A 255 18.79 -23.29 -9.14
CA LYS A 255 18.97 -21.96 -9.72
C LYS A 255 17.71 -21.57 -10.49
N VAL A 256 17.16 -20.40 -10.17
CA VAL A 256 15.90 -19.97 -10.77
C VAL A 256 16.02 -18.65 -11.53
N LEU A 257 17.04 -17.83 -11.28
CA LEU A 257 17.12 -16.56 -11.98
C LEU A 257 18.52 -15.98 -11.84
N ASN A 258 19.05 -15.45 -12.94
CA ASN A 258 20.26 -14.65 -12.90
C ASN A 258 19.89 -13.22 -12.50
N VAL A 259 20.54 -12.70 -11.46
CA VAL A 259 20.19 -11.39 -10.94
C VAL A 259 20.38 -10.28 -11.97
N LYS A 260 21.05 -10.56 -13.08
CA LYS A 260 21.17 -9.57 -14.14
C LYS A 260 19.88 -9.38 -14.90
N GLU A 261 18.95 -10.34 -14.82
CA GLU A 261 17.62 -10.15 -15.40
C GLU A 261 16.76 -9.23 -14.54
N MET A 262 17.18 -8.94 -13.30
CA MET A 262 16.42 -8.07 -12.43
C MET A 262 16.76 -6.61 -12.70
N LYS A 263 15.75 -5.74 -12.61
CA LYS A 263 15.98 -4.31 -12.67
C LYS A 263 16.60 -3.82 -11.37
N LEU A 264 16.08 -4.28 -10.23
CA LEU A 264 16.70 -3.98 -8.95
C LEU A 264 18.11 -4.53 -8.91
N SER A 265 18.93 -3.94 -8.04
CA SER A 265 20.31 -4.35 -7.88
C SER A 265 20.69 -4.22 -6.41
N GLY A 266 21.86 -4.77 -6.07
CA GLY A 266 22.35 -4.72 -4.71
C GLY A 266 21.90 -5.90 -3.88
N GLN A 267 22.75 -6.29 -2.93
CA GLN A 267 22.46 -7.45 -2.11
C GLN A 267 21.14 -7.30 -1.37
N HIS A 268 20.89 -6.11 -0.82
CA HIS A 268 19.67 -5.91 -0.02
C HIS A 268 18.42 -6.14 -0.85
N ASN A 269 18.43 -5.72 -2.12
CA ASN A 269 17.30 -5.96 -3.00
C ASN A 269 17.23 -7.40 -3.47
N TYR A 270 18.35 -8.13 -3.47
CA TYR A 270 18.31 -9.55 -3.79
C TYR A 270 17.68 -10.35 -2.65
N THR A 271 18.03 -10.02 -1.40
CA THR A 271 17.35 -10.66 -0.27
C THR A 271 15.89 -10.25 -0.20
N ASN A 272 15.58 -9.00 -0.55
CA ASN A 272 14.18 -8.58 -0.62
C ASN A 272 13.41 -9.45 -1.62
N ALA A 273 14.00 -9.65 -2.80
CA ALA A 273 13.35 -10.50 -3.81
C ALA A 273 13.20 -11.93 -3.31
N LEU A 274 14.23 -12.45 -2.65
CA LEU A 274 14.14 -13.81 -2.11
C LEU A 274 13.01 -13.91 -1.08
N ALA A 275 12.93 -12.93 -0.17
CA ALA A 275 11.89 -12.97 0.84
C ALA A 275 10.51 -12.87 0.19
N ALA A 276 10.33 -11.92 -0.73
CA ALA A 276 9.05 -11.79 -1.41
C ALA A 276 8.71 -13.06 -2.19
N LEU A 277 9.71 -13.68 -2.81
CA LEU A 277 9.46 -14.91 -3.56
C LEU A 277 9.00 -16.03 -2.64
N ALA A 278 9.57 -16.12 -1.44
CA ALA A 278 9.18 -17.19 -0.52
C ALA A 278 7.76 -17.00 0.00
N LEU A 279 7.35 -15.74 0.20
CA LEU A 279 5.96 -15.47 0.60
C LEU A 279 5.00 -15.82 -0.53
N ALA A 280 5.33 -15.40 -1.75
CA ALA A 280 4.45 -15.67 -2.89
C ALA A 280 4.34 -17.16 -3.16
N ASP A 281 5.45 -17.89 -3.05
CA ASP A 281 5.40 -19.34 -3.21
C ASP A 281 4.54 -19.97 -2.12
N ALA A 282 4.73 -19.53 -0.87
CA ALA A 282 3.95 -20.09 0.23
C ALA A 282 2.47 -19.78 0.07
N ALA A 283 2.13 -18.64 -0.53
CA ALA A 283 0.74 -18.27 -0.75
C ALA A 283 0.12 -18.95 -1.97
N GLY A 284 0.91 -19.72 -2.72
CA GLY A 284 0.38 -20.45 -3.86
C GLY A 284 0.47 -19.75 -5.19
N LEU A 285 1.27 -18.69 -5.30
CA LEU A 285 1.40 -17.99 -6.57
C LEU A 285 2.37 -18.73 -7.48
N PRO A 286 2.14 -18.76 -8.79
CA PRO A 286 3.03 -19.50 -9.68
C PRO A 286 4.43 -18.90 -9.69
N ARG A 287 5.43 -19.77 -9.55
CA ARG A 287 6.82 -19.33 -9.55
C ARG A 287 7.15 -18.55 -10.83
N ALA A 288 6.69 -19.05 -11.99
CA ALA A 288 7.08 -18.44 -13.25
C ALA A 288 6.60 -17.00 -13.33
N SER A 289 5.35 -16.74 -12.93
CA SER A 289 4.84 -15.37 -12.98
C SER A 289 5.48 -14.49 -11.93
N SER A 290 5.85 -15.05 -10.78
CA SER A 290 6.50 -14.25 -9.75
C SER A 290 7.92 -13.87 -10.15
N LEU A 291 8.67 -14.81 -10.73
CA LEU A 291 10.00 -14.48 -11.24
C LEU A 291 9.92 -13.39 -12.30
N LYS A 292 8.89 -13.44 -13.15
CA LYS A 292 8.71 -12.39 -14.15
C LYS A 292 8.56 -11.03 -13.49
N ALA A 293 7.81 -10.96 -12.39
CA ALA A 293 7.67 -9.70 -11.67
C ALA A 293 9.01 -9.15 -11.23
N LEU A 294 9.96 -10.02 -10.89
CA LEU A 294 11.29 -9.56 -10.48
C LEU A 294 12.04 -8.90 -11.64
N THR A 295 11.70 -9.26 -12.88
CA THR A 295 12.40 -8.73 -14.04
C THR A 295 11.79 -7.42 -14.55
N THR A 296 10.58 -7.07 -14.11
CA THR A 296 9.91 -5.87 -14.55
C THR A 296 9.86 -4.78 -13.47
N PHE A 297 10.13 -5.12 -12.21
CA PHE A 297 9.96 -4.18 -11.11
C PHE A 297 11.21 -3.34 -10.95
N THR A 298 11.06 -2.02 -11.07
CA THR A 298 12.18 -1.09 -10.96
C THR A 298 12.30 -0.45 -9.59
N GLY A 299 11.19 -0.20 -8.90
CA GLY A 299 11.24 0.48 -7.62
C GLY A 299 11.76 1.89 -7.70
N LEU A 300 11.70 2.51 -8.87
CA LEU A 300 12.17 3.88 -9.02
C LEU A 300 11.08 4.85 -8.60
N PRO A 301 11.34 5.77 -7.67
CA PRO A 301 10.29 6.73 -7.29
C PRO A 301 9.98 7.68 -8.43
N HIS A 302 8.69 7.90 -8.67
CA HIS A 302 8.16 8.86 -9.64
C HIS A 302 8.33 8.42 -11.09
N ARG A 303 8.83 7.21 -11.35
CA ARG A 303 9.01 6.72 -12.71
C ARG A 303 8.04 5.56 -12.92
N PHE A 304 6.91 5.86 -13.55
CA PHE A 304 5.79 4.93 -13.72
C PHE A 304 5.58 4.14 -12.43
N GLU A 305 5.34 4.88 -11.37
CA GLU A 305 5.21 4.32 -10.02
C GLU A 305 3.74 4.24 -9.65
N VAL A 306 3.24 3.02 -9.46
CA VAL A 306 1.87 2.83 -9.02
C VAL A 306 1.75 3.31 -7.58
N VAL A 307 0.89 4.31 -7.35
CA VAL A 307 0.72 4.87 -6.02
C VAL A 307 -0.58 4.43 -5.35
N LEU A 308 -1.51 3.82 -6.10
CA LEU A 308 -2.78 3.40 -5.54
C LEU A 308 -3.51 2.48 -6.49
N GLU A 309 -3.90 1.31 -6.00
CA GLU A 309 -4.74 0.36 -6.74
C GLU A 309 -5.97 0.09 -5.89
N HIS A 310 -7.11 0.67 -6.28
CA HIS A 310 -8.33 0.54 -5.50
C HIS A 310 -9.53 0.68 -6.42
N ASN A 311 -10.55 -0.15 -6.18
CA ASN A 311 -11.79 -0.12 -6.95
C ASN A 311 -11.54 -0.36 -8.44
N GLY A 312 -10.54 -1.17 -8.76
CA GLY A 312 -10.24 -1.46 -10.15
C GLY A 312 -9.53 -0.35 -10.89
N VAL A 313 -9.13 0.72 -10.21
CA VAL A 313 -8.45 1.85 -10.83
C VAL A 313 -7.00 1.84 -10.38
N ARG A 314 -6.11 2.19 -11.31
CA ARG A 314 -4.68 2.26 -11.06
C ARG A 314 -4.22 3.71 -11.20
N TRP A 315 -3.65 4.25 -10.13
CA TRP A 315 -3.10 5.61 -10.12
C TRP A 315 -1.59 5.52 -10.23
N ILE A 316 -1.03 6.08 -11.30
CA ILE A 316 0.37 5.89 -11.65
C ILE A 316 1.06 7.25 -11.65
N ASN A 317 2.09 7.39 -10.83
CA ASN A 317 2.87 8.61 -10.71
C ASN A 317 4.10 8.49 -11.59
N ASP A 318 4.07 9.17 -12.74
CA ASP A 318 5.22 9.27 -13.64
C ASP A 318 5.71 10.71 -13.72
N SER A 319 5.73 11.40 -12.58
CA SER A 319 6.18 12.79 -12.55
C SER A 319 7.61 12.95 -13.04
N LYS A 320 8.40 11.87 -13.00
CA LYS A 320 9.77 11.93 -13.52
C LYS A 320 9.80 12.32 -14.99
N ALA A 321 8.71 12.12 -15.72
CA ALA A 321 8.63 12.46 -17.14
C ALA A 321 8.52 13.98 -17.27
N THR A 322 9.67 14.64 -17.16
CA THR A 322 9.75 16.09 -17.30
C THR A 322 10.10 16.52 -18.72
N ASN A 323 9.87 15.66 -19.71
CA ASN A 323 10.12 15.99 -21.10
C ASN A 323 9.18 15.17 -21.98
N VAL A 324 9.10 15.55 -23.25
CA VAL A 324 8.20 14.86 -24.17
C VAL A 324 8.68 13.44 -24.45
N GLY A 325 10.00 13.22 -24.43
CA GLY A 325 10.51 11.88 -24.69
C GLY A 325 10.13 10.88 -23.61
N SER A 326 10.12 11.32 -22.35
CA SER A 326 9.81 10.40 -21.25
C SER A 326 8.32 10.05 -21.22
N THR A 327 7.44 10.98 -21.58
CA THR A 327 6.02 10.68 -21.61
C THR A 327 5.69 9.74 -22.75
N GLU A 328 6.29 9.95 -23.93
CA GLU A 328 6.12 9.04 -25.05
C GLU A 328 6.45 7.61 -24.64
N ALA A 329 7.50 7.43 -23.84
CA ALA A 329 7.86 6.10 -23.37
C ALA A 329 6.74 5.48 -22.54
N ALA A 330 6.11 6.28 -21.69
CA ALA A 330 5.02 5.75 -20.87
C ALA A 330 3.82 5.38 -21.72
N LEU A 331 3.50 6.19 -22.72
CA LEU A 331 2.34 5.92 -23.56
C LEU A 331 2.59 4.77 -24.53
N ASN A 332 3.83 4.58 -24.97
CA ASN A 332 4.13 3.60 -26.01
C ASN A 332 3.91 2.19 -25.48
N GLY A 333 2.98 1.47 -26.11
CA GLY A 333 2.67 0.12 -25.67
C GLY A 333 1.96 0.06 -24.34
N LEU A 334 1.06 1.01 -24.08
CA LEU A 334 0.32 1.08 -22.82
C LEU A 334 -1.05 0.46 -23.02
N HIS A 335 -1.29 -0.67 -22.38
CA HIS A 335 -2.58 -1.36 -22.44
C HIS A 335 -3.40 -0.99 -21.20
N VAL A 336 -4.52 -0.34 -21.41
CA VAL A 336 -5.43 0.06 -20.34
C VAL A 336 -6.79 -0.55 -20.66
N ASP A 337 -7.21 -1.51 -19.83
CA ASP A 337 -8.46 -2.21 -20.06
C ASP A 337 -9.61 -1.24 -20.28
N GLY A 338 -9.64 -0.15 -19.50
CA GLY A 338 -10.69 0.84 -19.62
C GLY A 338 -10.20 2.17 -20.16
N THR A 339 -10.49 3.26 -19.42
CA THR A 339 -10.17 4.60 -19.85
C THR A 339 -8.86 5.05 -19.24
N LEU A 340 -7.97 5.60 -20.07
CA LEU A 340 -6.76 6.25 -19.59
C LEU A 340 -7.07 7.72 -19.30
N HIS A 341 -6.83 8.15 -18.08
CA HIS A 341 -7.02 9.55 -17.66
C HIS A 341 -5.62 10.14 -17.50
N LEU A 342 -5.18 10.86 -18.53
CA LEU A 342 -3.81 11.35 -18.63
C LEU A 342 -3.75 12.82 -18.22
N LEU A 343 -2.79 13.15 -17.35
CA LEU A 343 -2.56 14.51 -16.90
C LEU A 343 -1.30 15.06 -17.55
N LEU A 344 -1.38 16.27 -18.10
CA LEU A 344 -0.28 16.88 -18.84
C LEU A 344 -0.15 18.35 -18.46
N GLY A 345 1.04 18.78 -18.07
CA GLY A 345 1.23 20.18 -17.78
C GLY A 345 2.51 20.44 -17.03
N GLY A 346 2.81 21.73 -16.89
CA GLY A 346 4.02 22.17 -16.22
C GLY A 346 4.79 23.16 -17.08
N ASP A 347 6.12 23.17 -16.95
CA ASP A 347 7.00 23.98 -17.79
C ASP A 347 7.58 23.08 -18.86
N GLY A 348 7.03 23.16 -20.07
CA GLY A 348 7.46 22.30 -21.15
C GLY A 348 8.92 22.45 -21.54
N LYS A 349 9.53 23.60 -21.23
CA LYS A 349 10.93 23.86 -21.54
C LYS A 349 11.15 23.91 -23.06
N SER A 350 10.29 24.64 -23.74
CA SER A 350 10.38 24.88 -25.18
C SER A 350 10.23 23.60 -26.00
N ALA A 351 9.54 22.60 -25.47
CA ALA A 351 9.42 21.31 -26.14
C ALA A 351 8.24 21.31 -27.11
N ASP A 352 8.35 20.45 -28.13
CA ASP A 352 7.28 20.21 -29.09
C ASP A 352 6.59 18.90 -28.69
N PHE A 353 5.34 18.98 -28.28
CA PHE A 353 4.60 17.83 -27.78
C PHE A 353 3.86 17.06 -28.86
N SER A 354 3.98 17.47 -30.13
CA SER A 354 3.21 16.81 -31.18
C SER A 354 3.53 15.33 -31.33
N PRO A 355 4.74 14.83 -31.04
CA PRO A 355 4.97 13.38 -31.11
C PRO A 355 4.06 12.56 -30.20
N LEU A 356 3.43 13.18 -29.20
CA LEU A 356 2.56 12.44 -28.30
C LEU A 356 1.21 12.14 -28.91
N ALA A 357 0.85 12.82 -30.00
CA ALA A 357 -0.50 12.69 -30.55
C ALA A 357 -0.76 11.29 -31.11
N ARG A 358 0.27 10.62 -31.62
CA ARG A 358 0.05 9.29 -32.22
C ARG A 358 -0.37 8.26 -31.19
N TYR A 359 -0.18 8.54 -29.90
CA TYR A 359 -0.60 7.64 -28.83
C TYR A 359 -1.90 8.06 -28.16
N LEU A 360 -2.43 9.23 -28.51
CA LEU A 360 -3.59 9.81 -27.82
C LEU A 360 -4.86 9.75 -28.66
N ASN A 361 -4.86 9.00 -29.74
CA ASN A 361 -6.09 8.69 -30.46
C ASN A 361 -6.75 7.46 -29.84
N GLY A 362 -7.96 7.17 -30.29
CA GLY A 362 -8.75 6.09 -29.73
C GLY A 362 -9.87 6.60 -28.83
N ASP A 363 -10.73 5.67 -28.43
CA ASP A 363 -11.91 6.02 -27.66
C ASP A 363 -11.65 6.17 -26.17
N ASN A 364 -10.59 5.56 -25.64
CA ASN A 364 -10.40 5.46 -24.20
C ASN A 364 -9.44 6.51 -23.65
N VAL A 365 -9.20 7.60 -24.37
CA VAL A 365 -8.23 8.61 -23.98
C VAL A 365 -8.97 9.86 -23.53
N ARG A 366 -8.59 10.38 -22.36
CA ARG A 366 -9.07 11.67 -21.89
C ARG A 366 -7.88 12.44 -21.34
N LEU A 367 -7.84 13.74 -21.62
CA LEU A 367 -6.73 14.59 -21.23
C LEU A 367 -7.18 15.59 -20.17
N TYR A 368 -6.28 15.88 -19.23
CA TYR A 368 -6.53 16.84 -18.16
C TYR A 368 -5.26 17.66 -18.00
N CYS A 369 -5.26 18.87 -18.56
CA CYS A 369 -4.05 19.67 -18.70
C CYS A 369 -4.03 20.82 -17.71
N PHE A 370 -2.82 21.21 -17.30
CA PHE A 370 -2.63 22.22 -16.27
C PHE A 370 -1.23 22.81 -16.43
N GLY A 371 -0.86 23.68 -15.49
CA GLY A 371 0.48 24.23 -15.44
C GLY A 371 0.68 25.40 -16.39
N ARG A 372 1.93 25.88 -16.40
CA ARG A 372 2.30 27.01 -17.26
C ARG A 372 1.99 26.70 -18.73
N ASP A 373 2.63 25.67 -19.27
CA ASP A 373 2.43 25.27 -20.65
C ASP A 373 1.22 24.34 -20.84
N GLY A 374 0.26 24.38 -19.92
CA GLY A 374 -0.89 23.49 -20.04
C GLY A 374 -1.74 23.78 -21.25
N ALA A 375 -1.92 25.06 -21.58
CA ALA A 375 -2.71 25.41 -22.76
C ALA A 375 -2.12 24.80 -24.02
N GLN A 376 -0.79 24.79 -24.12
CA GLN A 376 -0.13 24.21 -25.29
C GLN A 376 -0.25 22.70 -25.30
N LEU A 377 -0.39 22.07 -24.12
CA LEU A 377 -0.46 20.61 -24.05
C LEU A 377 -1.87 20.10 -24.31
N ALA A 378 -2.90 20.85 -23.91
CA ALA A 378 -4.26 20.48 -24.23
C ALA A 378 -4.57 20.58 -25.72
N ALA A 379 -3.68 21.20 -26.50
CA ALA A 379 -3.87 21.38 -27.93
C ALA A 379 -3.47 20.15 -28.76
N LEU A 380 -3.33 18.99 -28.12
CA LEU A 380 -3.06 17.75 -28.84
C LEU A 380 -4.31 17.06 -29.33
N ARG A 381 -5.43 17.25 -28.64
CA ARG A 381 -6.72 16.71 -29.04
C ARG A 381 -7.79 17.37 -28.16
N PRO A 382 -8.01 18.69 -28.29
CA PRO A 382 -8.89 19.40 -27.35
C PRO A 382 -10.29 18.80 -27.21
N GLU A 383 -10.74 18.01 -28.18
CA GLU A 383 -12.12 17.53 -28.13
C GLU A 383 -12.34 16.60 -26.94
N VAL A 384 -11.35 15.79 -26.59
CA VAL A 384 -11.43 14.87 -25.46
C VAL A 384 -10.56 15.33 -24.31
N ALA A 385 -10.26 16.62 -24.23
CA ALA A 385 -9.33 17.17 -23.26
C ALA A 385 -10.04 18.14 -22.32
N GLU A 386 -9.40 18.38 -21.18
CA GLU A 386 -9.81 19.38 -20.21
C GLU A 386 -8.59 20.23 -19.89
N GLN A 387 -8.83 21.40 -19.29
CA GLN A 387 -7.74 22.29 -18.91
C GLN A 387 -8.04 22.86 -17.54
N THR A 388 -6.97 23.10 -16.77
CA THR A 388 -7.07 23.65 -15.42
C THR A 388 -5.82 24.46 -15.15
N GLU A 389 -5.70 24.97 -13.92
CA GLU A 389 -4.50 25.70 -13.51
C GLU A 389 -3.48 24.79 -12.82
N THR A 390 -3.93 23.99 -11.86
CA THR A 390 -3.05 23.13 -11.08
C THR A 390 -3.44 21.68 -11.24
N MET A 391 -2.55 20.80 -10.77
CA MET A 391 -2.77 19.37 -10.88
C MET A 391 -3.92 18.92 -9.99
N GLU A 392 -4.08 19.55 -8.82
CA GLU A 392 -5.10 19.09 -7.87
C GLU A 392 -6.50 19.20 -8.46
N GLN A 393 -6.86 20.38 -8.96
CA GLN A 393 -8.21 20.58 -9.50
C GLN A 393 -8.48 19.73 -10.74
N ALA A 394 -7.44 19.31 -11.45
CA ALA A 394 -7.65 18.38 -12.57
C ALA A 394 -8.06 17.00 -12.05
N MET A 395 -7.42 16.53 -10.98
CA MET A 395 -7.76 15.21 -10.44
C MET A 395 -9.16 15.18 -9.84
N ARG A 396 -9.61 16.30 -9.25
CA ARG A 396 -10.96 16.34 -8.72
C ARG A 396 -12.01 16.34 -9.82
N LEU A 397 -11.62 16.68 -11.04
CA LEU A 397 -12.54 16.59 -12.17
C LEU A 397 -12.72 15.14 -12.62
N LEU A 398 -11.63 14.37 -12.65
CA LEU A 398 -11.69 13.00 -13.17
C LEU A 398 -12.11 11.99 -12.11
N ALA A 399 -11.87 12.28 -10.84
CA ALA A 399 -12.17 11.30 -9.80
C ALA A 399 -13.61 10.82 -9.83
N PRO A 400 -14.62 11.67 -10.01
CA PRO A 400 -15.99 11.15 -10.16
C PRO A 400 -16.18 10.31 -11.42
N ARG A 401 -15.43 10.61 -12.48
CA ARG A 401 -15.61 9.93 -13.75
C ARG A 401 -14.90 8.58 -13.82
N VAL A 402 -13.93 8.34 -12.94
CA VAL A 402 -13.12 7.14 -13.02
C VAL A 402 -13.94 5.92 -12.64
N GLN A 403 -13.74 4.82 -13.36
CA GLN A 403 -14.44 3.57 -13.08
C GLN A 403 -13.46 2.40 -13.14
N PRO A 404 -13.87 1.20 -12.72
CA PRO A 404 -12.95 0.07 -12.76
C PRO A 404 -12.34 -0.14 -14.15
N GLY A 405 -11.09 -0.58 -14.17
CA GLY A 405 -10.35 -0.77 -15.41
C GLY A 405 -9.61 0.45 -15.90
N ASP A 406 -9.88 1.62 -15.34
CA ASP A 406 -9.26 2.86 -15.78
C ASP A 406 -7.88 3.02 -15.15
N MET A 407 -7.06 3.84 -15.80
CA MET A 407 -5.76 4.24 -15.28
C MET A 407 -5.71 5.77 -15.21
N VAL A 408 -5.23 6.28 -14.08
CA VAL A 408 -4.97 7.71 -13.91
C VAL A 408 -3.46 7.88 -13.92
N LEU A 409 -2.94 8.43 -15.02
CA LEU A 409 -1.51 8.48 -15.28
C LEU A 409 -1.04 9.93 -15.25
N LEU A 410 -0.05 10.21 -14.40
CA LEU A 410 0.61 11.51 -14.37
C LEU A 410 1.95 11.37 -15.09
N SER A 411 1.93 11.62 -16.41
CA SER A 411 3.14 11.71 -17.23
C SER A 411 3.11 13.08 -17.89
N PRO A 412 3.47 14.14 -17.15
CA PRO A 412 3.12 15.49 -17.59
C PRO A 412 3.95 16.02 -18.74
N ALA A 413 5.10 15.41 -19.07
CA ALA A 413 5.97 15.84 -20.15
C ALA A 413 6.65 17.17 -19.86
N CYS A 414 6.52 17.70 -18.65
CA CYS A 414 7.03 19.02 -18.31
C CYS A 414 7.73 18.96 -16.96
N ALA A 415 8.66 19.90 -16.75
CA ALA A 415 9.24 20.09 -15.44
C ALA A 415 8.23 20.77 -14.52
N SER A 416 8.46 20.65 -13.22
CA SER A 416 7.52 21.12 -12.21
C SER A 416 7.97 22.43 -11.56
N LEU A 417 9.00 23.08 -12.09
CA LEU A 417 9.56 24.25 -11.42
C LEU A 417 8.66 25.48 -11.53
N ASP A 418 7.58 25.41 -12.32
CA ASP A 418 6.65 26.53 -12.37
C ASP A 418 5.74 26.58 -11.16
N GLN A 419 5.42 25.41 -10.57
CA GLN A 419 4.53 25.37 -9.42
C GLN A 419 5.03 24.45 -8.31
N PHE A 420 6.26 23.95 -8.40
CA PHE A 420 6.73 22.97 -7.43
C PHE A 420 8.22 23.17 -7.19
N LYS A 421 8.67 22.78 -5.99
CA LYS A 421 10.09 22.77 -5.69
C LYS A 421 10.85 21.96 -6.73
N ASN A 422 10.41 20.72 -6.96
CA ASN A 422 11.00 19.85 -7.97
C ASN A 422 9.96 18.79 -8.32
N PHE A 423 10.25 18.01 -9.37
CA PHE A 423 9.28 17.04 -9.84
C PHE A 423 8.87 16.07 -8.73
N GLU A 424 9.74 15.87 -7.73
CA GLU A 424 9.37 15.02 -6.60
C GLU A 424 8.12 15.56 -5.92
N GLN A 425 8.07 16.87 -5.67
CA GLN A 425 6.92 17.46 -4.99
C GLN A 425 5.64 17.22 -5.78
N ARG A 426 5.70 17.40 -7.11
CA ARG A 426 4.53 17.15 -7.94
C ARG A 426 4.12 15.68 -7.88
N GLY A 427 5.10 14.78 -7.80
CA GLY A 427 4.78 13.37 -7.71
C GLY A 427 4.23 12.98 -6.35
N ASN A 428 4.77 13.59 -5.29
CA ASN A 428 4.25 13.32 -3.94
C ASN A 428 2.85 13.89 -3.77
N GLU A 429 2.59 15.08 -4.31
CA GLU A 429 1.26 15.67 -4.22
C GLU A 429 0.24 14.84 -5.00
N PHE A 430 0.64 14.28 -6.14
CA PHE A 430 -0.25 13.41 -6.89
C PHE A 430 -0.61 12.17 -6.09
N ALA A 431 0.35 11.63 -5.34
CA ALA A 431 0.07 10.46 -4.52
C ALA A 431 -0.86 10.80 -3.35
N ARG A 432 -0.65 11.97 -2.74
CA ARG A 432 -1.53 12.39 -1.66
C ARG A 432 -2.98 12.48 -2.14
N LEU A 433 -3.19 13.10 -3.30
CA LEU A 433 -4.55 13.30 -3.80
C LEU A 433 -5.14 12.03 -4.38
N ALA A 434 -4.30 11.09 -4.84
CA ALA A 434 -4.82 9.80 -5.28
C ALA A 434 -5.45 9.05 -4.11
N LYS A 435 -4.81 9.09 -2.94
CA LYS A 435 -5.38 8.45 -1.77
C LYS A 435 -6.73 9.06 -1.41
N GLU A 436 -6.79 10.39 -1.34
CA GLU A 436 -8.05 11.06 -1.00
C GLU A 436 -9.13 10.76 -2.03
N LEU A 437 -8.81 10.96 -3.31
CA LEU A 437 -9.84 10.91 -4.34
C LEU A 437 -10.20 9.47 -4.71
N GLY A 438 -9.22 8.56 -4.73
CA GLY A 438 -9.46 7.21 -5.18
C GLY A 438 -9.83 6.21 -4.11
N GLY A 439 -9.64 6.54 -2.84
CA GLY A 439 -9.94 5.63 -1.76
C GLY A 439 -11.31 5.84 -1.18
#